data_3LMN
#
_entry.id   3LMN
#
_cell.length_a   138.174
_cell.length_b   138.174
_cell.length_c   132.114
_cell.angle_alpha   90.00
_cell.angle_beta   90.00
_cell.angle_gamma   90.00
#
_symmetry.space_group_name_H-M   'I 41 2 2'
#
loop_
_entity.id
_entity.type
_entity.pdbx_description
1 polymer 'Ubiquitin carboxyl-terminal hydrolase 15'
2 non-polymer 'FORMIC ACID'
3 non-polymer 'ACETIC ACID'
4 water water
#
_entity_poly.entity_id   1
_entity_poly.type   'polypeptide(L)'
_entity_poly.pdbx_seq_one_letter_code
;GSMAEGGAADLDTQRSDIATLLKTSLRKGDTWYLVDSRWFKQWKKYVGFDSWDKYQMGDQNVYPGPIDNSGLLKDGDAQS
LKEHLIDELDYILLPTEGWNKLVSWYTLMEGQEPIARKVVEQGMFVKHCKVEVYL
;
_entity_poly.pdbx_strand_id   A,B
#
loop_
_chem_comp.id
_chem_comp.type
_chem_comp.name
_chem_comp.formula
ACY non-polymer 'ACETIC ACID' 'C2 H4 O2'
FMT non-polymer 'FORMIC ACID' 'C H2 O2'
#
# COMPACT_ATOMS: atom_id res chain seq x y z
N ALA A 4 -21.14 6.24 -23.68
CA ALA A 4 -21.79 7.15 -22.67
C ALA A 4 -20.76 8.05 -21.97
N GLU A 5 -19.63 7.45 -21.57
CA GLU A 5 -18.43 8.20 -21.20
C GLU A 5 -17.45 8.17 -22.40
N GLY A 6 -17.97 7.81 -23.58
CA GLY A 6 -17.19 7.75 -24.82
C GLY A 6 -16.11 6.66 -24.92
N GLY A 7 -16.21 5.62 -24.09
CA GLY A 7 -15.20 4.52 -24.10
C GLY A 7 -14.40 4.44 -22.80
N ALA A 8 -14.40 5.54 -22.04
CA ALA A 8 -13.79 5.57 -20.72
C ALA A 8 -14.52 4.58 -19.76
N ALA A 9 -13.85 4.20 -18.67
CA ALA A 9 -14.45 3.39 -17.62
C ALA A 9 -15.70 4.09 -17.09
N ASP A 10 -16.69 3.33 -16.60
CA ASP A 10 -17.85 3.99 -15.99
C ASP A 10 -17.45 4.80 -14.73
N LEU A 11 -18.32 5.69 -14.31
CA LEU A 11 -17.94 6.72 -13.34
C LEU A 11 -17.61 6.13 -11.97
N ASP A 12 -18.35 5.11 -11.55
CA ASP A 12 -18.05 4.35 -10.33
C ASP A 12 -16.63 3.75 -10.32
N THR A 13 -16.23 3.16 -11.44
CA THR A 13 -14.91 2.56 -11.59
C THR A 13 -13.81 3.64 -11.57
N GLN A 14 -14.06 4.76 -12.25
CA GLN A 14 -13.08 5.84 -12.27
C GLN A 14 -12.83 6.33 -10.83
N ARG A 15 -13.91 6.63 -10.12
CA ARG A 15 -13.84 7.13 -8.75
C ARG A 15 -13.06 6.16 -7.84
N SER A 16 -13.50 4.90 -7.88
CA SER A 16 -12.89 3.82 -7.11
C SER A 16 -11.40 3.55 -7.43
N ASP A 17 -11.04 3.40 -8.71
CA ASP A 17 -9.65 3.16 -9.09
C ASP A 17 -8.76 4.32 -8.64
N ILE A 18 -9.22 5.55 -8.89
CA ILE A 18 -8.40 6.72 -8.57
C ILE A 18 -8.28 6.94 -7.06
N ALA A 19 -9.38 6.76 -6.32
CA ALA A 19 -9.32 6.82 -4.85
C ALA A 19 -8.22 5.91 -4.27
N THR A 20 -8.13 4.69 -4.76
CA THR A 20 -7.10 3.74 -4.32
C THR A 20 -5.71 4.21 -4.78
N LEU A 21 -5.60 4.60 -6.05
CA LEU A 21 -4.31 5.01 -6.62
C LEU A 21 -3.72 6.25 -5.96
N LEU A 22 -4.57 7.20 -5.55
CA LEU A 22 -4.12 8.37 -4.76
C LEU A 22 -3.33 7.97 -3.51
N LYS A 23 -3.66 6.81 -2.96
CA LYS A 23 -3.10 6.38 -1.68
C LYS A 23 -1.87 5.49 -1.80
N THR A 24 -1.44 5.21 -3.03
CA THR A 24 -0.29 4.34 -3.29
C THR A 24 0.94 4.78 -2.48
N SER A 25 1.56 3.83 -1.80
CA SER A 25 2.74 4.13 -1.03
C SER A 25 3.88 4.63 -1.97
N LEU A 26 4.59 5.66 -1.54
CA LEU A 26 5.71 6.20 -2.30
C LEU A 26 6.94 5.30 -2.17
N ARG A 27 7.62 5.08 -3.29
N ARG A 27 7.62 5.07 -3.29
CA ARG A 27 8.80 4.24 -3.34
CA ARG A 27 8.81 4.23 -3.33
C ARG A 27 9.88 4.94 -4.15
C ARG A 27 9.88 4.93 -4.16
N LYS A 28 11.09 5.02 -3.59
CA LYS A 28 12.21 5.71 -4.24
C LYS A 28 12.39 5.27 -5.68
N GLY A 29 12.47 6.25 -6.59
CA GLY A 29 12.69 5.95 -8.01
C GLY A 29 11.42 5.83 -8.83
N ASP A 30 10.27 5.67 -8.18
CA ASP A 30 8.98 5.68 -8.91
C ASP A 30 8.72 7.04 -9.54
N THR A 31 7.98 7.04 -10.63
CA THR A 31 7.57 8.27 -11.28
C THR A 31 6.12 8.57 -10.92
N TRP A 32 5.88 9.79 -10.42
CA TRP A 32 4.54 10.27 -10.15
C TRP A 32 4.29 11.50 -11.03
N TYR A 33 3.01 11.87 -11.16
CA TYR A 33 2.57 12.93 -12.07
C TYR A 33 1.73 13.98 -11.36
N LEU A 34 1.94 15.25 -11.71
CA LEU A 34 1.13 16.34 -11.18
C LEU A 34 -0.13 16.49 -12.03
N VAL A 35 -1.27 16.68 -11.34
CA VAL A 35 -2.52 16.98 -11.99
C VAL A 35 -3.06 18.28 -11.37
N ASP A 36 -3.36 19.24 -12.22
CA ASP A 36 -3.90 20.51 -11.75
C ASP A 36 -5.14 20.29 -10.84
N SER A 37 -5.17 20.96 -9.70
N SER A 37 -5.17 20.96 -9.70
CA SER A 37 -6.24 20.73 -8.71
CA SER A 37 -6.24 20.75 -8.70
C SER A 37 -7.63 21.17 -9.17
C SER A 37 -7.63 21.18 -9.16
N ARG A 38 -7.69 22.19 -10.04
CA ARG A 38 -8.97 22.66 -10.57
C ARG A 38 -9.53 21.67 -11.58
N TRP A 39 -8.66 21.12 -12.43
CA TRP A 39 -9.08 20.06 -13.31
C TRP A 39 -9.57 18.89 -12.45
N PHE A 40 -8.75 18.51 -11.46
CA PHE A 40 -9.09 17.38 -10.61
C PHE A 40 -10.39 17.57 -9.81
N LYS A 41 -10.64 18.78 -9.29
CA LYS A 41 -11.88 19.04 -8.58
C LYS A 41 -13.10 18.86 -9.49
N GLN A 42 -12.95 19.26 -10.75
CA GLN A 42 -14.02 19.12 -11.71
C GLN A 42 -14.28 17.62 -12.02
N TRP A 43 -13.20 16.87 -12.19
CA TRP A 43 -13.30 15.41 -12.34
C TRP A 43 -13.99 14.77 -11.13
N LYS A 44 -13.63 15.21 -9.92
CA LYS A 44 -14.26 14.70 -8.70
C LYS A 44 -15.79 14.92 -8.70
N LYS A 45 -16.24 16.12 -9.09
CA LYS A 45 -17.68 16.40 -9.18
C LYS A 45 -18.31 15.49 -10.21
N TYR A 46 -17.66 15.41 -11.38
CA TYR A 46 -18.15 14.60 -12.50
C TYR A 46 -18.36 13.14 -12.12
N VAL A 47 -17.49 12.58 -11.28
CA VAL A 47 -17.57 11.15 -10.94
C VAL A 47 -18.25 10.88 -9.59
N GLY A 48 -18.66 11.94 -8.90
CA GLY A 48 -19.25 11.79 -7.56
C GLY A 48 -18.27 11.35 -6.48
N PHE A 49 -17.05 11.87 -6.53
CA PHE A 49 -15.97 11.49 -5.59
C PHE A 49 -16.28 11.92 -4.15
N ASP A 50 -16.17 10.98 -3.20
CA ASP A 50 -16.28 11.30 -1.76
C ASP A 50 -17.49 12.19 -1.38
N SER A 51 -18.68 11.75 -1.75
CA SER A 51 -19.87 12.57 -1.59
C SER A 51 -21.10 11.68 -1.38
N TRP A 52 -21.96 12.07 -0.44
CA TRP A 52 -23.23 11.37 -0.25
C TRP A 52 -24.21 11.77 -1.36
N ASP A 53 -24.43 13.05 -1.57
CA ASP A 53 -25.39 13.48 -2.59
C ASP A 53 -24.91 13.25 -4.03
N LYS A 54 -23.59 13.26 -4.26
CA LYS A 54 -23.01 13.15 -5.62
C LYS A 54 -23.69 14.14 -6.57
N TYR A 55 -23.93 15.34 -6.05
CA TYR A 55 -24.54 16.40 -6.83
C TYR A 55 -23.70 16.67 -8.09
N GLN A 56 -24.38 16.71 -9.24
CA GLN A 56 -23.76 16.95 -10.56
C GLN A 56 -22.99 15.78 -11.15
N MET A 57 -22.96 14.63 -10.48
CA MET A 57 -22.27 13.44 -11.03
C MET A 57 -22.80 13.15 -12.45
N GLY A 58 -21.90 12.99 -13.41
CA GLY A 58 -22.35 12.73 -14.77
C GLY A 58 -22.93 13.91 -15.55
N ASP A 59 -23.09 15.08 -14.92
CA ASP A 59 -23.61 16.27 -15.65
C ASP A 59 -22.64 16.69 -16.76
N GLN A 60 -23.18 17.03 -17.93
CA GLN A 60 -22.36 17.36 -19.09
C GLN A 60 -21.51 18.59 -18.81
N ASN A 61 -22.05 19.56 -18.07
CA ASN A 61 -21.31 20.79 -17.86
C ASN A 61 -20.18 20.68 -16.82
N VAL A 62 -20.08 19.54 -16.13
CA VAL A 62 -18.91 19.32 -15.27
C VAL A 62 -17.91 18.28 -15.80
N TYR A 63 -18.19 17.71 -16.99
CA TYR A 63 -17.23 16.85 -17.67
C TYR A 63 -15.90 17.65 -17.70
N PRO A 64 -14.80 17.05 -17.21
CA PRO A 64 -13.63 17.90 -17.00
C PRO A 64 -12.83 18.21 -18.28
N GLY A 65 -13.08 17.46 -19.36
CA GLY A 65 -12.37 17.65 -20.63
C GLY A 65 -10.95 17.05 -20.57
N PRO A 66 -10.14 17.20 -21.65
CA PRO A 66 -8.75 16.75 -21.63
C PRO A 66 -7.99 17.31 -20.42
N ILE A 67 -7.16 16.47 -19.81
CA ILE A 67 -6.36 16.89 -18.67
C ILE A 67 -5.63 18.18 -19.04
N ASP A 68 -5.82 19.21 -18.23
CA ASP A 68 -5.27 20.51 -18.55
C ASP A 68 -4.41 21.00 -17.39
N ASN A 69 -3.09 20.96 -17.56
CA ASN A 69 -2.18 21.44 -16.53
C ASN A 69 -1.63 22.85 -16.80
N SER A 70 -2.23 23.59 -17.74
CA SER A 70 -1.67 24.88 -18.13
C SER A 70 -1.62 25.90 -16.97
N GLY A 71 -2.52 25.78 -16.00
CA GLY A 71 -2.46 26.59 -14.78
C GLY A 71 -1.21 26.38 -13.92
N LEU A 72 -0.49 25.27 -14.15
CA LEU A 72 0.76 24.96 -13.42
C LEU A 72 2.02 25.37 -14.18
N LEU A 73 1.85 25.79 -15.42
CA LEU A 73 2.98 25.93 -16.33
C LEU A 73 3.28 27.40 -16.61
N LYS A 74 4.56 27.72 -16.73
CA LYS A 74 4.99 29.07 -17.14
C LYS A 74 4.70 29.27 -18.62
N ASP A 75 4.29 30.48 -18.98
CA ASP A 75 4.15 30.88 -20.39
C ASP A 75 5.48 30.83 -21.14
N GLY A 76 5.44 30.94 -22.46
CA GLY A 76 6.64 30.87 -23.30
C GLY A 76 6.91 29.47 -23.83
N ASP A 77 7.92 29.36 -24.70
CA ASP A 77 8.18 28.16 -25.53
C ASP A 77 8.28 26.82 -24.79
N ALA A 78 9.36 26.60 -24.03
CA ALA A 78 9.58 25.33 -23.34
C ALA A 78 8.68 25.14 -22.11
N GLN A 79 8.20 23.90 -21.92
CA GLN A 79 7.32 23.59 -20.82
C GLN A 79 8.10 23.60 -19.50
N SER A 80 7.57 24.36 -18.54
CA SER A 80 8.28 24.69 -17.32
C SER A 80 7.29 24.95 -16.16
N LEU A 81 7.50 24.25 -15.05
CA LEU A 81 6.61 24.35 -13.88
C LEU A 81 6.76 25.69 -13.17
N LYS A 82 5.63 26.35 -12.91
CA LYS A 82 5.61 27.55 -12.06
C LYS A 82 6.29 27.26 -10.71
N GLU A 83 6.85 28.30 -10.09
CA GLU A 83 7.40 28.18 -8.74
C GLU A 83 6.30 28.30 -7.69
N HIS A 84 6.60 27.91 -6.46
CA HIS A 84 5.70 28.12 -5.31
C HIS A 84 4.37 27.38 -5.38
N LEU A 85 4.30 26.34 -6.20
CA LEU A 85 3.12 25.49 -6.23
C LEU A 85 3.05 24.64 -4.96
N ILE A 86 1.83 24.42 -4.46
CA ILE A 86 1.60 23.77 -3.18
C ILE A 86 0.70 22.56 -3.41
N ASP A 87 1.13 21.42 -2.87
CA ASP A 87 0.39 20.15 -2.96
C ASP A 87 -1.03 20.32 -2.40
N GLU A 88 -1.99 19.66 -3.03
CA GLU A 88 -3.42 19.77 -2.72
C GLU A 88 -4.07 21.06 -3.18
N LEU A 89 -3.44 22.20 -2.90
CA LEU A 89 -4.03 23.49 -3.30
C LEU A 89 -3.92 23.71 -4.79
N ASP A 90 -2.73 23.46 -5.33
CA ASP A 90 -2.47 23.70 -6.76
C ASP A 90 -2.47 22.45 -7.62
N TYR A 91 -2.04 21.33 -7.05
CA TYR A 91 -1.99 20.07 -7.82
C TYR A 91 -2.24 18.90 -6.89
N ILE A 92 -2.55 17.74 -7.47
CA ILE A 92 -2.52 16.48 -6.74
C ILE A 92 -1.52 15.58 -7.43
N LEU A 93 -1.11 14.53 -6.72
CA LEU A 93 -0.10 13.62 -7.22
C LEU A 93 -0.71 12.25 -7.47
N LEU A 94 -0.42 11.67 -8.64
CA LEU A 94 -0.86 10.31 -8.96
C LEU A 94 0.34 9.47 -9.39
N PRO A 95 0.32 8.15 -9.10
CA PRO A 95 1.36 7.26 -9.63
C PRO A 95 1.13 7.02 -11.11
N THR A 96 2.11 6.38 -11.75
CA THR A 96 2.09 6.09 -13.19
C THR A 96 0.74 5.49 -13.60
N GLU A 97 0.25 4.51 -12.85
CA GLU A 97 -0.99 3.83 -13.21
C GLU A 97 -2.18 4.79 -13.19
N GLY A 98 -2.22 5.70 -12.21
CA GLY A 98 -3.31 6.65 -12.07
C GLY A 98 -3.26 7.69 -13.17
N TRP A 99 -2.05 8.19 -13.47
CA TRP A 99 -1.85 9.08 -14.60
C TRP A 99 -2.30 8.43 -15.92
N ASN A 100 -1.86 7.20 -16.19
CA ASN A 100 -2.22 6.52 -17.44
C ASN A 100 -3.73 6.31 -17.58
N LYS A 101 -4.40 6.00 -16.47
CA LYS A 101 -5.84 5.84 -16.50
C LYS A 101 -6.54 7.14 -16.88
N LEU A 102 -6.13 8.26 -16.26
CA LEU A 102 -6.76 9.54 -16.58
C LEU A 102 -6.52 9.92 -18.04
N VAL A 103 -5.30 9.67 -18.53
CA VAL A 103 -4.96 10.02 -19.91
C VAL A 103 -5.83 9.16 -20.82
N SER A 104 -5.93 7.88 -20.48
CA SER A 104 -6.73 6.97 -21.26
C SER A 104 -8.22 7.39 -21.30
N TRP A 105 -8.72 7.93 -20.19
CA TRP A 105 -10.15 8.26 -20.12
C TRP A 105 -10.47 9.62 -20.71
N TYR A 106 -9.54 10.58 -20.56
CA TYR A 106 -9.82 11.99 -20.88
C TYR A 106 -8.96 12.60 -21.99
N THR A 107 -7.83 11.93 -22.27
CA THR A 107 -6.70 12.46 -23.08
C THR A 107 -5.98 13.58 -22.33
N LEU A 108 -4.75 13.85 -22.76
CA LEU A 108 -3.99 15.00 -22.30
C LEU A 108 -4.22 16.17 -23.26
N MET A 109 -4.50 17.36 -22.72
CA MET A 109 -4.72 18.49 -23.62
C MET A 109 -3.58 18.69 -24.61
N GLU A 110 -3.94 19.04 -25.84
CA GLU A 110 -2.99 19.23 -26.94
C GLU A 110 -2.03 20.38 -26.64
N GLY A 111 -0.77 20.20 -27.02
CA GLY A 111 0.26 21.18 -26.73
C GLY A 111 0.93 21.04 -25.37
N GLN A 112 0.48 20.08 -24.56
CA GLN A 112 1.10 19.83 -23.26
C GLN A 112 1.82 18.50 -23.20
N GLU A 113 2.86 18.41 -22.36
N GLU A 113 2.83 18.42 -22.34
CA GLU A 113 3.48 17.13 -22.02
CA GLU A 113 3.49 17.17 -21.98
C GLU A 113 3.18 16.83 -20.55
C GLU A 113 3.17 16.83 -20.53
N PRO A 114 3.19 15.54 -20.16
CA PRO A 114 2.95 15.18 -18.74
C PRO A 114 3.97 15.87 -17.81
N ILE A 115 3.58 16.12 -16.56
CA ILE A 115 4.53 16.67 -15.58
C ILE A 115 4.96 15.54 -14.66
N ALA A 116 6.08 14.90 -15.00
CA ALA A 116 6.60 13.72 -14.31
C ALA A 116 7.65 14.12 -13.29
N ARG A 117 7.55 13.57 -12.10
CA ARG A 117 8.56 13.82 -11.04
C ARG A 117 8.92 12.50 -10.35
N LYS A 118 10.14 12.41 -9.83
CA LYS A 118 10.64 11.19 -9.18
C LYS A 118 10.43 11.21 -7.68
N VAL A 119 10.23 10.03 -7.11
CA VAL A 119 10.22 9.89 -5.64
C VAL A 119 11.67 9.79 -5.14
N VAL A 120 12.00 10.61 -4.14
CA VAL A 120 13.29 10.51 -3.47
C VAL A 120 13.05 10.27 -1.98
N GLU A 121 14.11 9.92 -1.26
CA GLU A 121 14.02 9.71 0.19
C GLU A 121 14.52 10.99 0.84
N GLN A 122 13.69 11.58 1.68
N GLN A 122 13.68 11.61 1.66
CA GLN A 122 13.98 12.85 2.34
CA GLN A 122 14.01 12.86 2.33
C GLN A 122 14.24 12.64 3.84
C GLN A 122 14.24 12.66 3.83
N GLY A 123 15.41 13.06 4.31
CA GLY A 123 15.72 13.01 5.74
C GLY A 123 14.90 14.05 6.48
N MET A 124 14.26 13.68 7.59
CA MET A 124 13.45 14.63 8.37
C MET A 124 13.67 14.37 9.85
N PHE A 125 13.50 15.42 10.65
CA PHE A 125 13.57 15.30 12.09
C PHE A 125 12.17 15.46 12.66
N VAL A 126 11.68 14.42 13.31
CA VAL A 126 10.32 14.45 13.83
C VAL A 126 10.34 14.25 15.33
N LYS A 127 9.22 14.55 15.99
CA LYS A 127 9.15 14.42 17.43
C LYS A 127 8.06 13.41 17.73
N HIS A 128 8.39 12.39 18.54
CA HIS A 128 7.40 11.39 18.94
C HIS A 128 7.58 10.90 20.37
N CYS A 129 6.47 10.51 20.99
CA CYS A 129 6.49 9.75 22.22
C CYS A 129 7.21 8.42 21.99
N LYS A 130 8.01 8.04 22.99
CA LYS A 130 8.77 6.82 22.96
C LYS A 130 9.07 6.50 24.42
N VAL A 131 8.99 5.21 24.76
CA VAL A 131 9.43 4.74 26.07
C VAL A 131 10.96 4.80 26.10
N GLU A 132 11.49 5.60 27.01
CA GLU A 132 12.94 5.79 27.10
C GLU A 132 13.59 4.67 27.89
N VAL A 133 14.13 3.72 27.17
CA VAL A 133 14.67 2.51 27.76
C VAL A 133 16.08 2.74 28.33
N TYR A 134 16.92 3.46 27.58
CA TYR A 134 18.28 3.80 27.99
C TYR A 134 18.35 5.28 28.34
N LEU A 135 18.71 5.55 29.60
CA LEU A 135 18.80 6.93 30.07
C LEU A 135 20.08 7.55 29.51
N GLY B 7 1.77 -0.56 -7.34
CA GLY B 7 2.49 -0.23 -6.08
C GLY B 7 1.75 -0.68 -4.82
N ALA B 8 2.45 -0.59 -3.68
CA ALA B 8 1.96 -1.08 -2.40
C ALA B 8 0.84 -0.20 -1.84
N ALA B 9 -0.10 -0.82 -1.14
CA ALA B 9 -1.17 -0.07 -0.46
C ALA B 9 -0.56 0.85 0.60
N ASP B 10 -1.29 1.90 0.99
CA ASP B 10 -0.82 2.79 2.06
C ASP B 10 -0.61 2.00 3.36
N LEU B 11 0.18 2.55 4.26
CA LEU B 11 0.62 1.83 5.47
C LEU B 11 -0.52 1.53 6.45
N ASP B 12 -1.48 2.45 6.55
N ASP B 12 -1.48 2.44 6.54
CA ASP B 12 -2.67 2.27 7.39
CA ASP B 12 -2.64 2.22 7.41
C ASP B 12 -3.47 1.05 6.91
C ASP B 12 -3.46 1.03 6.91
N THR B 13 -3.69 0.97 5.60
CA THR B 13 -4.37 -0.18 4.97
C THR B 13 -3.57 -1.47 5.19
N GLN B 14 -2.25 -1.42 5.02
CA GLN B 14 -1.44 -2.60 5.27
C GLN B 14 -1.62 -3.10 6.71
N ARG B 15 -1.47 -2.19 7.67
CA ARG B 15 -1.54 -2.57 9.10
C ARG B 15 -2.92 -3.19 9.37
N SER B 16 -3.96 -2.52 8.90
CA SER B 16 -5.33 -2.90 9.19
C SER B 16 -5.72 -4.22 8.48
N ASP B 17 -5.38 -4.36 7.20
CA ASP B 17 -5.70 -5.58 6.46
C ASP B 17 -5.06 -6.78 7.13
N ILE B 18 -3.78 -6.64 7.47
CA ILE B 18 -3.02 -7.74 8.03
C ILE B 18 -3.47 -8.05 9.46
N ALA B 19 -3.74 -7.03 10.28
CA ALA B 19 -4.27 -7.28 11.64
C ALA B 19 -5.55 -8.13 11.59
N THR B 20 -6.43 -7.81 10.64
CA THR B 20 -7.66 -8.56 10.47
C THR B 20 -7.37 -10.01 10.04
N LEU B 21 -6.50 -10.14 9.04
CA LEU B 21 -6.22 -11.46 8.47
C LEU B 21 -5.50 -12.39 9.45
N LEU B 22 -4.70 -11.81 10.34
CA LEU B 22 -4.05 -12.55 11.42
C LEU B 22 -5.05 -13.24 12.34
N LYS B 23 -6.30 -12.79 12.33
CA LYS B 23 -7.35 -13.34 13.23
C LYS B 23 -8.22 -14.43 12.58
N THR B 24 -7.92 -14.76 11.32
CA THR B 24 -8.62 -15.80 10.58
C THR B 24 -8.55 -17.14 11.34
N SER B 25 -9.68 -17.83 11.43
CA SER B 25 -9.74 -19.16 12.04
C SER B 25 -9.10 -20.24 11.18
N LEU B 26 -8.46 -21.21 11.83
CA LEU B 26 -8.03 -22.41 11.15
C LEU B 26 -9.26 -23.20 10.71
N ARG B 27 -9.27 -23.63 9.44
CA ARG B 27 -10.28 -24.56 8.93
C ARG B 27 -9.53 -25.61 8.15
N LYS B 28 -9.90 -26.87 8.37
CA LYS B 28 -9.23 -28.01 7.74
C LYS B 28 -9.18 -27.86 6.23
N GLY B 29 -8.01 -28.09 5.66
CA GLY B 29 -7.83 -28.02 4.21
C GLY B 29 -7.40 -26.64 3.67
N ASP B 30 -7.53 -25.58 4.47
CA ASP B 30 -7.06 -24.24 4.05
C ASP B 30 -5.53 -24.20 3.98
N THR B 31 -5.02 -23.29 3.16
CA THR B 31 -3.57 -23.10 3.01
C THR B 31 -3.11 -21.86 3.77
N TRP B 32 -2.08 -22.02 4.58
CA TRP B 32 -1.50 -20.89 5.31
C TRP B 32 -0.02 -20.85 4.96
N TYR B 33 0.62 -19.70 5.24
CA TYR B 33 2.01 -19.46 4.83
C TYR B 33 2.86 -19.06 6.01
N LEU B 34 4.05 -19.62 6.08
CA LEU B 34 4.98 -19.28 7.16
C LEU B 34 5.68 -17.99 6.84
N VAL B 35 5.75 -17.11 7.85
CA VAL B 35 6.51 -15.88 7.71
C VAL B 35 7.45 -15.78 8.90
N ASP B 36 8.73 -15.60 8.56
CA ASP B 36 9.78 -15.46 9.53
C ASP B 36 9.43 -14.34 10.49
N SER B 37 9.50 -14.68 11.77
CA SER B 37 9.15 -13.77 12.86
C SER B 37 9.91 -12.45 12.78
N ARG B 38 11.21 -12.56 12.46
CA ARG B 38 12.08 -11.41 12.39
C ARG B 38 11.65 -10.46 11.27
N TRP B 39 11.36 -10.99 10.07
CA TRP B 39 10.92 -10.13 8.98
C TRP B 39 9.58 -9.44 9.35
N PHE B 40 8.67 -10.21 9.92
CA PHE B 40 7.34 -9.70 10.27
C PHE B 40 7.40 -8.59 11.31
N LYS B 41 8.26 -8.73 12.32
CA LYS B 41 8.45 -7.67 13.33
C LYS B 41 9.03 -6.39 12.69
N GLN B 42 9.89 -6.56 11.69
CA GLN B 42 10.40 -5.40 10.94
C GLN B 42 9.29 -4.69 10.15
N TRP B 43 8.44 -5.47 9.49
CA TRP B 43 7.26 -4.95 8.82
C TRP B 43 6.37 -4.20 9.84
N LYS B 44 6.21 -4.76 11.05
CA LYS B 44 5.39 -4.10 12.09
C LYS B 44 5.91 -2.71 12.45
N LYS B 45 7.23 -2.57 12.66
CA LYS B 45 7.80 -1.25 12.96
C LYS B 45 7.50 -0.27 11.84
N TYR B 46 7.66 -0.75 10.61
CA TYR B 46 7.46 0.09 9.42
C TYR B 46 6.02 0.59 9.22
N VAL B 47 5.05 -0.27 9.54
CA VAL B 47 3.65 0.13 9.36
C VAL B 47 3.05 0.68 10.66
N GLY B 48 3.85 0.70 11.74
CA GLY B 48 3.36 1.21 13.02
C GLY B 48 2.27 0.32 13.60
N PHE B 49 2.48 -1.00 13.51
CA PHE B 49 1.50 -1.99 13.99
C PHE B 49 1.16 -1.83 15.48
N ASP B 50 2.18 -1.64 16.33
CA ASP B 50 1.95 -1.48 17.76
C ASP B 50 2.01 -0.03 18.20
N SER B 51 1.03 0.35 19.02
CA SER B 51 0.89 1.72 19.48
C SER B 51 2.13 2.19 20.25
N TRP B 52 2.81 1.25 20.90
CA TRP B 52 4.01 1.57 21.70
C TRP B 52 5.29 1.52 20.88
N ASP B 53 5.18 1.19 19.60
CA ASP B 53 6.31 1.25 18.69
C ASP B 53 5.88 1.67 17.29
N LYS B 54 5.27 2.84 17.16
CA LYS B 54 4.89 3.33 15.86
C LYS B 54 5.60 4.63 15.47
N TYR B 55 6.58 5.05 16.27
CA TYR B 55 7.26 6.31 16.03
C TYR B 55 8.17 6.25 14.79
N GLN B 56 8.37 5.05 14.24
CA GLN B 56 9.11 4.89 12.99
C GLN B 56 8.28 4.42 11.82
N MET B 57 6.96 4.53 11.95
CA MET B 57 6.06 4.20 10.84
C MET B 57 6.51 5.02 9.63
N GLY B 58 6.70 4.36 8.49
CA GLY B 58 7.04 5.07 7.25
C GLY B 58 8.52 5.44 7.14
N ASP B 59 9.31 5.08 8.15
CA ASP B 59 10.74 5.39 8.11
C ASP B 59 11.47 4.36 7.25
N GLN B 60 12.09 4.83 6.16
CA GLN B 60 12.78 3.92 5.25
C GLN B 60 13.94 3.21 5.93
N ASN B 61 14.43 3.77 7.03
CA ASN B 61 15.49 3.09 7.78
C ASN B 61 15.03 1.79 8.44
N VAL B 62 13.71 1.57 8.54
CA VAL B 62 13.18 0.28 9.05
C VAL B 62 12.35 -0.47 8.01
N TYR B 63 12.41 -0.04 6.75
CA TYR B 63 11.70 -0.72 5.65
C TYR B 63 12.13 -2.19 5.63
N PRO B 64 11.17 -3.15 5.58
CA PRO B 64 11.65 -4.53 5.79
C PRO B 64 12.29 -5.16 4.57
N GLY B 65 12.09 -4.57 3.39
CA GLY B 65 12.59 -5.18 2.16
C GLY B 65 11.75 -6.40 1.77
N PRO B 66 12.16 -7.11 0.71
CA PRO B 66 11.42 -8.30 0.28
C PRO B 66 11.26 -9.33 1.41
N ILE B 67 10.12 -10.02 1.43
CA ILE B 67 9.86 -11.05 2.42
C ILE B 67 11.03 -12.02 2.43
N ASP B 68 11.59 -12.27 3.62
CA ASP B 68 12.81 -13.07 3.74
C ASP B 68 12.60 -14.13 4.81
N ASN B 69 12.46 -15.37 4.35
CA ASN B 69 12.33 -16.53 5.24
C ASN B 69 13.63 -17.34 5.40
N SER B 70 14.77 -16.73 5.02
CA SER B 70 16.10 -17.35 5.21
C SER B 70 16.28 -18.02 6.55
N GLY B 71 15.89 -17.31 7.61
CA GLY B 71 16.03 -17.78 8.98
C GLY B 71 15.32 -19.09 9.23
N LEU B 72 14.33 -19.39 8.38
CA LEU B 72 13.58 -20.64 8.48
C LEU B 72 14.17 -21.77 7.62
N LEU B 73 15.18 -21.46 6.82
CA LEU B 73 15.67 -22.39 5.81
C LEU B 73 17.12 -22.78 6.04
N LYS B 74 17.41 -24.07 5.91
CA LYS B 74 18.78 -24.55 5.87
C LYS B 74 19.34 -24.25 4.48
N ASP B 75 20.64 -24.02 4.39
CA ASP B 75 21.28 -23.61 3.14
C ASP B 75 21.63 -24.80 2.22
N GLY B 76 21.92 -24.50 0.95
CA GLY B 76 22.20 -25.54 -0.05
C GLY B 76 21.60 -25.24 -1.41
N ALA B 78 18.22 -26.72 -3.23
CA ALA B 78 16.82 -27.06 -2.99
C ALA B 78 16.35 -26.41 -1.69
N GLN B 79 15.16 -25.82 -1.72
CA GLN B 79 14.61 -25.14 -0.56
C GLN B 79 14.05 -26.12 0.48
N SER B 80 14.61 -26.07 1.67
CA SER B 80 14.24 -26.97 2.75
C SER B 80 14.15 -26.23 4.08
N LEU B 81 13.09 -26.53 4.81
CA LEU B 81 12.80 -25.93 6.12
C LEU B 81 13.75 -26.49 7.17
N LYS B 82 14.28 -25.63 8.05
CA LYS B 82 15.05 -26.14 9.20
C LYS B 82 14.12 -26.97 10.08
N GLU B 83 14.72 -27.84 10.89
CA GLU B 83 13.97 -28.67 11.84
C GLU B 83 13.69 -27.91 13.13
N HIS B 84 12.71 -28.39 13.89
CA HIS B 84 12.43 -27.90 15.25
C HIS B 84 11.96 -26.44 15.32
N LEU B 85 11.41 -25.93 14.21
CA LEU B 85 10.84 -24.59 14.23
C LEU B 85 9.56 -24.57 15.04
N ILE B 86 9.35 -23.48 15.77
CA ILE B 86 8.21 -23.34 16.66
C ILE B 86 7.35 -22.11 16.29
N ASP B 87 6.07 -22.40 16.07
CA ASP B 87 4.98 -21.45 15.94
C ASP B 87 5.13 -20.28 16.96
N GLU B 88 4.87 -19.04 16.52
CA GLU B 88 5.08 -17.81 17.33
C GLU B 88 6.55 -17.47 17.59
N LEU B 89 7.35 -18.44 18.01
CA LEU B 89 8.76 -18.17 18.33
C LEU B 89 9.58 -17.82 17.07
N ASP B 90 9.57 -18.74 16.12
CA ASP B 90 10.37 -18.61 14.91
C ASP B 90 9.62 -18.01 13.73
N TYR B 91 8.31 -18.25 13.65
CA TYR B 91 7.51 -17.80 12.52
C TYR B 91 6.09 -17.48 12.97
N ILE B 92 5.41 -16.70 12.15
CA ILE B 92 3.98 -16.48 12.31
C ILE B 92 3.35 -17.06 11.06
N LEU B 93 2.03 -17.21 11.10
CA LEU B 93 1.30 -17.80 10.00
C LEU B 93 0.27 -16.81 9.45
N LEU B 94 0.18 -16.77 8.13
CA LEU B 94 -0.85 -15.96 7.48
C LEU B 94 -1.67 -16.81 6.51
N PRO B 95 -2.98 -16.53 6.43
CA PRO B 95 -3.78 -17.22 5.44
C PRO B 95 -3.41 -16.70 4.05
N THR B 96 -3.93 -17.34 3.01
CA THR B 96 -3.60 -17.05 1.62
C THR B 96 -3.73 -15.57 1.26
N GLU B 97 -4.87 -14.96 1.62
CA GLU B 97 -5.09 -13.53 1.33
C GLU B 97 -4.00 -12.65 1.97
N GLY B 98 -3.60 -12.98 3.20
CA GLY B 98 -2.54 -12.21 3.89
C GLY B 98 -1.17 -12.37 3.23
N TRP B 99 -0.79 -13.62 2.94
CA TRP B 99 0.44 -13.87 2.19
C TRP B 99 0.46 -13.14 0.84
N ASN B 100 -0.60 -13.29 0.06
CA ASN B 100 -0.69 -12.66 -1.25
C ASN B 100 -0.53 -11.14 -1.16
N LYS B 101 -1.18 -10.51 -0.17
CA LYS B 101 -1.01 -9.08 0.04
C LYS B 101 0.45 -8.70 0.32
N LEU B 102 1.10 -9.38 1.27
CA LEU B 102 2.49 -9.07 1.58
C LEU B 102 3.40 -9.25 0.38
N VAL B 103 3.19 -10.29 -0.43
CA VAL B 103 3.99 -10.51 -1.63
C VAL B 103 3.79 -9.41 -2.68
N SER B 104 2.54 -8.99 -2.91
CA SER B 104 2.35 -7.92 -3.87
C SER B 104 2.93 -6.59 -3.34
N TRP B 105 2.90 -6.37 -2.02
CA TRP B 105 3.44 -5.12 -1.46
C TRP B 105 4.97 -5.08 -1.39
N TYR B 106 5.62 -6.20 -1.07
CA TYR B 106 7.06 -6.21 -0.76
C TYR B 106 7.91 -7.04 -1.73
N THR B 107 7.26 -7.95 -2.46
CA THR B 107 7.87 -9.05 -3.21
C THR B 107 8.39 -10.13 -2.24
N LEU B 108 8.60 -11.33 -2.78
CA LEU B 108 9.34 -12.36 -2.08
C LEU B 108 10.80 -12.29 -2.53
N MET B 109 11.72 -12.35 -1.58
CA MET B 109 13.14 -12.34 -1.87
C MET B 109 13.54 -13.32 -2.99
N GLU B 110 14.33 -12.81 -3.94
CA GLU B 110 14.77 -13.63 -5.06
C GLU B 110 15.50 -14.90 -4.59
N GLY B 111 15.21 -16.02 -5.25
CA GLY B 111 15.79 -17.31 -4.89
C GLY B 111 15.07 -18.06 -3.78
N GLN B 112 13.94 -17.51 -3.32
CA GLN B 112 13.09 -18.20 -2.34
C GLN B 112 11.73 -18.50 -2.96
N GLU B 113 11.08 -19.53 -2.44
CA GLU B 113 9.73 -19.89 -2.82
C GLU B 113 8.84 -19.77 -1.57
N PRO B 114 7.52 -19.56 -1.76
CA PRO B 114 6.59 -19.52 -0.62
C PRO B 114 6.65 -20.79 0.22
N ILE B 115 6.45 -20.68 1.54
CA ILE B 115 6.39 -21.88 2.38
C ILE B 115 4.91 -22.14 2.74
N ALA B 116 4.24 -22.86 1.86
CA ALA B 116 2.79 -23.09 1.94
C ALA B 116 2.51 -24.39 2.69
N ARG B 117 1.63 -24.33 3.69
CA ARG B 117 1.26 -25.53 4.46
C ARG B 117 -0.26 -25.61 4.64
N LYS B 118 -0.76 -26.82 4.94
CA LYS B 118 -2.20 -27.05 5.04
C LYS B 118 -2.66 -27.21 6.49
N VAL B 119 -3.87 -26.74 6.77
CA VAL B 119 -4.50 -27.01 8.06
C VAL B 119 -5.01 -28.48 8.08
N VAL B 120 -4.51 -29.25 9.05
CA VAL B 120 -5.03 -30.60 9.30
C VAL B 120 -5.68 -30.69 10.69
N GLU B 121 -6.53 -31.69 10.91
CA GLU B 121 -6.99 -31.99 12.26
C GLU B 121 -6.03 -33.00 12.86
N GLN B 122 -5.47 -32.62 14.00
CA GLN B 122 -4.38 -33.37 14.60
C GLN B 122 -4.73 -33.75 16.04
N GLY B 123 -4.49 -35.02 16.39
CA GLY B 123 -4.61 -35.46 17.78
C GLY B 123 -3.38 -34.99 18.52
N MET B 124 -3.55 -34.51 19.75
CA MET B 124 -2.41 -34.04 20.52
C MET B 124 -2.62 -34.27 22.00
N PHE B 125 -1.54 -34.67 22.68
CA PHE B 125 -1.58 -34.90 24.11
C PHE B 125 -1.26 -33.62 24.85
N VAL B 126 -2.12 -33.23 25.80
CA VAL B 126 -1.96 -32.00 26.57
C VAL B 126 -2.18 -32.32 28.06
N LYS B 127 -1.76 -31.42 28.95
CA LYS B 127 -1.98 -31.56 30.38
C LYS B 127 -2.94 -30.46 30.84
N HIS B 128 -4.11 -30.84 31.36
CA HIS B 128 -5.06 -29.85 31.90
C HIS B 128 -5.26 -30.02 33.40
N CYS B 129 -5.32 -28.91 34.11
CA CYS B 129 -5.64 -28.94 35.52
C CYS B 129 -7.11 -29.34 35.74
N LYS B 130 -7.36 -30.18 36.74
CA LYS B 130 -8.71 -30.54 37.10
C LYS B 130 -8.77 -30.71 38.60
N VAL B 131 -9.94 -30.42 39.17
CA VAL B 131 -10.17 -30.73 40.56
C VAL B 131 -10.37 -32.22 40.64
N GLU B 132 -9.56 -32.89 41.45
CA GLU B 132 -9.69 -34.32 41.63
C GLU B 132 -10.74 -34.66 42.69
N VAL B 133 -11.98 -34.84 42.24
CA VAL B 133 -13.11 -35.08 43.11
C VAL B 133 -13.10 -36.52 43.63
N TYR B 134 -12.78 -37.45 42.73
CA TYR B 134 -12.69 -38.85 43.09
C TYR B 134 -11.25 -39.35 43.01
N LEU B 135 -10.79 -39.87 44.15
CA LEU B 135 -9.48 -40.52 44.40
C LEU B 135 -8.64 -39.89 45.53
C FMT C . 7.23 20.66 -16.59
O1 FMT C . 8.13 20.43 -15.78
O2 FMT C . 6.91 19.87 -17.47
C ACY D . 2.47 -7.68 19.36
O ACY D . 1.73 -8.08 20.33
OXT ACY D . 2.09 -7.13 18.26
CH3 ACY D . 3.95 -7.93 19.52
#